data_5N8Q
#
_entry.id   5N8Q
#
_cell.length_a   38.046
_cell.length_b   109.632
_cell.length_c   136.739
_cell.angle_alpha   90.00
_cell.angle_beta   90.00
_cell.angle_gamma   90.00
#
_symmetry.space_group_name_H-M   'P 2 21 21'
#
loop_
_entity.id
_entity.type
_entity.pdbx_description
1 polymer 'S-norcoclaurine synthase'
2 water water
#
_entity_poly.entity_id   1
_entity_poly.type   'polypeptide(L)'
_entity_poly.pdbx_seq_one_letter_code
;SMGIINQVSTVTKVIHHELEVAASADDIWTVYSWPGLAKHLPDLLPGAFEKLEIIGDGGVGTILDMTFVPGEFPHEYKEK
FILVDNEHRLKKVQMIEGGYLDLGVTYYMDTIHVVPTGKDSCVIKSSTEYHVKPEFVKIVEPLITTGPLAAMADAISKLV
LEHKS
;
_entity_poly.pdbx_strand_id   A,B,C
#
# COMPACT_ATOMS: atom_id res chain seq x y z
N ILE A 5 4.03 52.55 -12.46
CA ILE A 5 3.14 51.97 -11.36
C ILE A 5 3.97 51.08 -10.38
N ASN A 6 3.87 51.34 -9.07
CA ASN A 6 4.32 50.40 -8.01
C ASN A 6 3.09 49.60 -7.51
N GLN A 7 3.28 48.27 -7.41
CA GLN A 7 2.28 47.33 -6.85
C GLN A 7 2.15 47.70 -5.40
N VAL A 8 0.93 47.62 -4.91
CA VAL A 8 0.57 48.06 -3.54
C VAL A 8 1.46 47.35 -2.46
N SER A 9 1.59 48.02 -1.34
CA SER A 9 2.10 47.41 -0.11
C SER A 9 1.22 46.24 0.33
N THR A 10 1.84 45.25 0.92
CA THR A 10 1.14 44.07 1.42
C THR A 10 1.71 43.77 2.80
N VAL A 11 1.01 42.90 3.52
CA VAL A 11 1.40 42.38 4.83
C VAL A 11 1.68 40.89 4.62
N THR A 12 2.71 40.37 5.29
CA THR A 12 3.10 39.01 5.18
C THR A 12 2.50 38.20 6.32
N LYS A 13 1.96 37.04 6.00
CA LYS A 13 1.48 36.08 7.00
C LYS A 13 2.10 34.71 6.73
N VAL A 14 2.47 33.99 7.79
CA VAL A 14 3.03 32.67 7.73
C VAL A 14 2.29 31.83 8.74
N ILE A 15 1.70 30.70 8.31
CA ILE A 15 1.10 29.76 9.24
C ILE A 15 1.86 28.42 9.12
N HIS A 16 1.88 27.67 10.21
CA HIS A 16 2.67 26.48 10.36
C HIS A 16 1.87 25.33 10.88
N HIS A 17 2.23 24.13 10.44
CA HIS A 17 1.67 22.86 10.92
C HIS A 17 2.78 21.79 11.00
N GLU A 18 2.78 21.00 12.07
CA GLU A 18 3.67 19.85 12.17
C GLU A 18 2.92 18.57 12.42
N LEU A 19 3.37 17.50 11.77
CA LEU A 19 2.91 16.15 12.10
C LEU A 19 4.05 15.20 12.33
N GLU A 20 4.13 14.62 13.51
CA GLU A 20 5.09 13.55 13.81
C GLU A 20 4.59 12.25 13.16
N VAL A 21 5.49 11.53 12.51
CA VAL A 21 5.13 10.34 11.80
C VAL A 21 6.12 9.20 12.20
N ALA A 22 5.58 8.02 12.48
CA ALA A 22 6.39 6.87 12.87
C ALA A 22 6.92 6.14 11.63
N ALA A 23 7.48 6.87 10.71
CA ALA A 23 8.17 6.31 9.57
C ALA A 23 9.33 7.25 9.25
N SER A 24 10.32 6.71 8.53
CA SER A 24 11.50 7.44 8.23
C SER A 24 11.17 8.63 7.32
N ALA A 25 11.94 9.67 7.44
CA ALA A 25 11.90 10.75 6.48
C ALA A 25 12.06 10.29 5.02
N ASP A 26 12.92 9.31 4.75
CA ASP A 26 13.00 8.79 3.38
C ASP A 26 11.67 8.19 2.89
N ASP A 27 10.99 7.46 3.75
CA ASP A 27 9.70 6.87 3.34
C ASP A 27 8.68 7.95 3.02
N ILE A 28 8.63 8.96 3.87
CA ILE A 28 7.62 10.04 3.71
C ILE A 28 7.96 10.87 2.51
N TRP A 29 9.24 11.18 2.31
CA TRP A 29 9.67 11.95 1.18
C TRP A 29 9.42 11.20 -0.14
N THR A 30 9.54 9.92 -0.13
CA THR A 30 9.23 9.12 -1.32
C THR A 30 7.86 9.43 -1.84
N VAL A 31 6.88 9.63 -0.95
CA VAL A 31 5.54 9.95 -1.42
C VAL A 31 5.38 11.40 -1.84
N TYR A 32 5.84 12.35 -1.01
CA TYR A 32 5.81 13.73 -1.39
C TYR A 32 6.51 14.06 -2.69
N SER A 33 7.56 13.36 -3.04
CA SER A 33 8.26 13.65 -4.25
C SER A 33 7.98 12.70 -5.38
N TRP A 34 7.12 11.71 -5.18
CA TRP A 34 6.77 10.83 -6.27
C TRP A 34 6.19 11.57 -7.46
N PRO A 35 6.80 11.44 -8.68
CA PRO A 35 6.26 12.20 -9.82
C PRO A 35 4.80 11.80 -10.16
N GLY A 36 4.43 10.56 -9.83
CA GLY A 36 3.06 10.10 -10.05
C GLY A 36 2.01 10.71 -9.07
N LEU A 37 2.42 11.44 -8.03
CA LEU A 37 1.49 11.92 -7.03
C LEU A 37 0.36 12.83 -7.58
N ALA A 38 0.76 13.77 -8.43
CA ALA A 38 -0.15 14.73 -8.94
C ALA A 38 -1.32 14.02 -9.56
N LYS A 39 -1.04 13.12 -10.46
CA LYS A 39 -2.15 12.51 -11.11
C LYS A 39 -2.96 11.60 -10.23
N HIS A 40 -2.41 11.12 -9.13
CA HIS A 40 -3.18 10.29 -8.21
C HIS A 40 -3.74 11.08 -6.99
N LEU A 41 -3.70 12.41 -7.02
CA LEU A 41 -4.28 13.18 -5.89
C LEU A 41 -5.75 12.83 -5.59
N PRO A 42 -6.59 12.53 -6.59
CA PRO A 42 -7.99 12.14 -6.23
C PRO A 42 -8.06 10.82 -5.43
N ASP A 43 -7.11 9.91 -5.61
CA ASP A 43 -7.00 8.68 -4.73
C ASP A 43 -6.58 9.06 -3.31
N LEU A 44 -5.62 9.95 -3.24
CA LEU A 44 -5.13 10.42 -1.97
C LEU A 44 -6.15 11.22 -1.18
N LEU A 45 -6.93 12.07 -1.87
CA LEU A 45 -7.94 12.93 -1.22
C LEU A 45 -9.32 12.65 -1.86
N PRO A 46 -9.95 11.54 -1.46
CA PRO A 46 -11.21 11.10 -2.10
C PRO A 46 -12.33 12.11 -2.06
N GLY A 47 -13.05 12.25 -3.15
CA GLY A 47 -14.16 13.18 -3.20
C GLY A 47 -13.82 14.66 -3.13
N ALA A 48 -12.54 15.05 -3.11
CA ALA A 48 -12.24 16.48 -2.96
C ALA A 48 -12.43 17.27 -4.28
N PHE A 49 -12.24 16.58 -5.43
CA PHE A 49 -12.09 17.25 -6.72
C PHE A 49 -13.26 17.08 -7.61
N GLU A 50 -13.71 18.14 -8.26
CA GLU A 50 -14.60 18.10 -9.40
C GLU A 50 -13.78 17.84 -10.66
N LYS A 51 -12.61 18.49 -10.76
CA LYS A 51 -11.77 18.33 -11.91
C LYS A 51 -10.31 18.57 -11.59
N LEU A 52 -9.41 17.82 -12.23
CA LEU A 52 -8.00 17.94 -12.01
C LEU A 52 -7.27 17.75 -13.31
N GLU A 53 -6.54 18.76 -13.73
CA GLU A 53 -5.84 18.76 -14.97
C GLU A 53 -4.33 19.02 -14.67
N ILE A 54 -3.47 18.19 -15.20
CA ILE A 54 -2.07 18.28 -14.88
C ILE A 54 -1.27 18.58 -16.14
N ILE A 55 -0.39 19.58 -16.08
CA ILE A 55 0.52 19.84 -17.19
C ILE A 55 1.95 19.63 -16.73
N GLY A 56 2.59 18.56 -17.14
CA GLY A 56 3.94 18.26 -16.71
C GLY A 56 4.03 16.82 -16.23
N ASP A 57 5.26 16.37 -15.97
CA ASP A 57 5.52 14.96 -15.63
C ASP A 57 5.43 14.65 -14.14
N GLY A 58 5.05 15.63 -13.29
CA GLY A 58 4.95 15.40 -11.90
C GLY A 58 6.14 15.87 -11.09
N GLY A 59 7.18 16.28 -11.79
CA GLY A 59 8.38 16.82 -11.13
C GLY A 59 8.28 18.31 -11.09
N VAL A 60 9.39 18.93 -10.70
CA VAL A 60 9.53 20.37 -10.68
C VAL A 60 9.08 21.03 -11.97
N GLY A 61 8.37 22.15 -11.87
CA GLY A 61 7.73 22.82 -12.97
C GLY A 61 6.33 22.36 -13.33
N THR A 62 5.83 21.29 -12.77
CA THR A 62 4.50 20.79 -13.13
C THR A 62 3.42 21.76 -12.60
N ILE A 63 2.40 22.00 -13.42
CA ILE A 63 1.25 22.83 -13.08
C ILE A 63 -0.02 21.95 -12.96
N LEU A 64 -0.78 22.18 -11.89
CA LEU A 64 -1.99 21.48 -11.60
C LEU A 64 -3.11 22.48 -11.53
N ASP A 65 -4.18 22.24 -12.30
CA ASP A 65 -5.37 23.11 -12.27
C ASP A 65 -6.40 22.28 -11.57
N MET A 66 -6.76 22.77 -10.38
CA MET A 66 -7.60 22.03 -9.44
C MET A 66 -8.95 22.73 -9.35
N THR A 67 -10.03 22.00 -9.60
CA THR A 67 -11.35 22.49 -9.40
C THR A 67 -12.01 21.61 -8.33
N PHE A 68 -12.60 22.26 -7.31
CA PHE A 68 -13.17 21.52 -6.19
C PHE A 68 -14.65 21.42 -6.28
N VAL A 69 -15.19 20.44 -5.57
CA VAL A 69 -16.68 20.21 -5.57
C VAL A 69 -17.38 21.35 -4.87
N PRO A 70 -18.66 21.60 -5.23
CA PRO A 70 -19.27 22.87 -4.68
C PRO A 70 -19.32 22.85 -3.13
N GLY A 71 -19.37 24.03 -2.53
CA GLY A 71 -19.34 24.20 -1.08
C GLY A 71 -17.92 24.36 -0.58
N GLU A 72 -16.92 24.14 -1.41
CA GLU A 72 -15.53 24.45 -1.00
C GLU A 72 -15.23 25.92 -1.45
N PHE A 73 -14.51 26.65 -0.60
CA PHE A 73 -13.74 27.84 -1.06
C PHE A 73 -12.30 27.51 -0.80
N PRO A 74 -11.41 27.62 -1.76
CA PRO A 74 -11.64 28.10 -3.12
C PRO A 74 -12.33 27.06 -3.95
N HIS A 75 -12.91 27.55 -5.03
CA HIS A 75 -13.49 26.67 -6.00
C HIS A 75 -12.44 26.15 -7.03
N GLU A 76 -11.54 27.03 -7.46
CA GLU A 76 -10.53 26.63 -8.49
C GLU A 76 -9.24 27.43 -8.27
N TYR A 77 -8.10 26.80 -8.49
CA TYR A 77 -6.82 27.53 -8.64
C TYR A 77 -5.83 26.67 -9.41
N LYS A 78 -4.81 27.27 -9.94
CA LYS A 78 -3.66 26.59 -10.47
C LYS A 78 -2.52 26.70 -9.48
N GLU A 79 -1.79 25.59 -9.36
CA GLU A 79 -0.59 25.60 -8.55
C GLU A 79 0.60 25.07 -9.39
N LYS A 80 1.78 25.38 -8.90
CA LYS A 80 2.99 24.93 -9.56
C LYS A 80 3.97 24.43 -8.54
N PHE A 81 4.63 23.35 -8.89
CA PHE A 81 5.72 22.76 -8.12
C PHE A 81 6.99 23.60 -8.46
N ILE A 82 7.37 24.46 -7.54
CA ILE A 82 8.50 25.36 -7.67
C ILE A 82 9.81 24.64 -7.29
N LEU A 83 9.83 23.76 -6.32
CA LEU A 83 11.07 23.11 -5.80
C LEU A 83 10.76 21.73 -5.32
N VAL A 84 11.57 20.76 -5.76
CA VAL A 84 11.44 19.41 -5.26
C VAL A 84 12.86 18.97 -4.89
N ASP A 85 13.36 19.40 -3.73
CA ASP A 85 14.77 19.30 -3.32
C ASP A 85 15.04 18.00 -2.53
N ASN A 86 15.64 17.01 -3.21
CA ASN A 86 15.86 15.71 -2.59
C ASN A 86 16.89 15.76 -1.42
N GLU A 87 17.86 16.63 -1.49
CA GLU A 87 18.89 16.61 -0.46
C GLU A 87 18.31 17.12 0.89
N HIS A 88 17.45 18.11 0.85
CA HIS A 88 16.82 18.61 2.05
C HIS A 88 15.39 18.13 2.30
N ARG A 89 14.87 17.32 1.42
CA ARG A 89 13.49 16.81 1.50
C ARG A 89 12.54 18.01 1.68
N LEU A 90 12.66 18.94 0.74
CA LEU A 90 12.01 20.24 0.79
C LEU A 90 11.23 20.44 -0.51
N LYS A 91 9.91 20.63 -0.37
CA LYS A 91 9.03 20.81 -1.54
C LYS A 91 8.33 22.18 -1.41
N LYS A 92 8.29 22.94 -2.51
CA LYS A 92 7.62 24.20 -2.56
C LYS A 92 6.57 24.16 -3.68
N VAL A 93 5.34 24.59 -3.35
CA VAL A 93 4.19 24.59 -4.27
C VAL A 93 3.53 25.95 -4.20
N GLN A 94 3.47 26.67 -5.31
CA GLN A 94 2.96 28.05 -5.36
C GLN A 94 1.60 28.09 -6.00
N MET A 95 0.66 28.83 -5.40
CA MET A 95 -0.59 29.13 -6.07
C MET A 95 -0.32 30.24 -7.08
N ILE A 96 -0.52 29.93 -8.35
CA ILE A 96 -0.14 30.83 -9.47
C ILE A 96 -1.29 31.50 -10.18
N GLU A 97 -2.52 31.03 -10.00
CA GLU A 97 -3.69 31.61 -10.67
C GLU A 97 -4.93 31.24 -9.87
N GLY A 98 -5.86 32.17 -9.72
CA GLY A 98 -7.10 31.85 -9.05
C GLY A 98 -6.96 31.68 -7.53
N GLY A 99 -7.91 30.94 -6.92
CA GLY A 99 -7.97 30.81 -5.53
C GLY A 99 -7.85 32.14 -4.76
N TYR A 100 -6.99 32.17 -3.75
CA TYR A 100 -6.83 33.36 -2.88
C TYR A 100 -6.22 34.53 -3.63
N LEU A 101 -5.64 34.32 -4.81
CA LEU A 101 -5.19 35.45 -5.62
C LEU A 101 -6.39 36.29 -6.10
N ASP A 102 -7.62 35.79 -6.04
CA ASP A 102 -8.78 36.58 -6.40
C ASP A 102 -9.44 37.23 -5.15
N LEU A 103 -8.76 37.24 -4.02
CA LEU A 103 -9.20 37.76 -2.77
C LEU A 103 -8.10 38.62 -2.08
N GLY A 104 -7.41 39.43 -2.87
CA GLY A 104 -6.46 40.44 -2.33
C GLY A 104 -5.08 39.90 -1.96
N VAL A 105 -4.79 38.65 -2.36
CA VAL A 105 -3.51 38.05 -2.04
C VAL A 105 -2.66 38.13 -3.31
N THR A 106 -1.40 38.51 -3.16
CA THR A 106 -0.50 38.75 -4.26
C THR A 106 0.54 37.70 -4.33
N TYR A 107 0.71 36.87 -3.28
CA TYR A 107 1.70 35.78 -3.24
C TYR A 107 1.17 34.69 -2.29
N TYR A 108 1.27 33.42 -2.69
CA TYR A 108 0.83 32.31 -1.81
C TYR A 108 1.74 31.12 -2.09
N MET A 109 2.47 30.66 -1.08
CA MET A 109 3.45 29.61 -1.23
C MET A 109 3.37 28.58 -0.08
N ASP A 110 3.24 27.27 -0.44
CA ASP A 110 3.27 26.20 0.52
C ASP A 110 4.67 25.58 0.52
N THR A 111 5.22 25.29 1.71
CA THR A 111 6.53 24.68 1.85
C THR A 111 6.34 23.48 2.74
N ILE A 112 6.91 22.35 2.35
CA ILE A 112 6.81 21.14 3.17
C ILE A 112 8.28 20.66 3.31
N HIS A 113 8.65 20.40 4.52
CA HIS A 113 10.00 19.98 4.87
C HIS A 113 9.88 18.74 5.73
N VAL A 114 10.47 17.63 5.26
CA VAL A 114 10.33 16.38 5.96
C VAL A 114 11.62 16.13 6.68
N VAL A 115 11.53 16.17 8.00
CA VAL A 115 12.73 16.25 8.86
C VAL A 115 12.89 15.01 9.67
N PRO A 116 14.04 14.31 9.53
CA PRO A 116 14.18 13.08 10.33
C PRO A 116 14.28 13.40 11.82
N THR A 117 13.72 12.52 12.62
CA THR A 117 13.83 12.62 14.07
C THR A 117 14.39 11.42 14.73
N GLY A 118 14.51 10.31 14.03
CA GLY A 118 15.06 9.04 14.59
C GLY A 118 15.04 8.03 13.47
N LYS A 119 15.53 6.82 13.74
CA LYS A 119 15.78 5.83 12.69
C LYS A 119 14.55 5.59 11.76
N ASP A 120 13.40 5.50 12.39
CA ASP A 120 12.17 5.29 11.71
C ASP A 120 11.08 6.32 12.10
N SER A 121 11.48 7.57 12.21
CA SER A 121 10.55 8.61 12.54
C SER A 121 10.99 9.94 11.90
N CYS A 122 10.00 10.77 11.64
CA CYS A 122 10.24 12.10 11.09
C CYS A 122 9.10 13.03 11.49
N VAL A 123 9.26 14.30 11.14
CA VAL A 123 8.23 15.25 11.31
C VAL A 123 8.04 15.96 9.99
N ILE A 124 6.78 16.14 9.59
CA ILE A 124 6.41 16.82 8.37
C ILE A 124 6.14 18.26 8.77
N LYS A 125 7.03 19.18 8.39
CA LYS A 125 6.92 20.58 8.80
C LYS A 125 6.36 21.33 7.57
N SER A 126 5.10 21.67 7.62
CA SER A 126 4.36 22.29 6.53
C SER A 126 4.07 23.77 6.90
N SER A 127 4.21 24.68 5.92
CA SER A 127 3.84 26.07 6.17
C SER A 127 3.27 26.71 4.90
N THR A 128 2.49 27.76 5.11
CA THR A 128 1.92 28.60 4.05
C THR A 128 2.36 30.01 4.33
N GLU A 129 2.99 30.64 3.35
CA GLU A 129 3.29 32.07 3.41
C GLU A 129 2.45 32.79 2.35
N TYR A 130 1.75 33.82 2.76
CA TYR A 130 0.97 34.64 1.84
C TYR A 130 1.14 36.13 2.12
N HIS A 131 1.04 36.91 1.05
CA HIS A 131 1.13 38.34 1.12
C HIS A 131 -0.22 38.91 0.70
N VAL A 132 -0.76 39.73 1.57
CA VAL A 132 -2.15 40.15 1.43
C VAL A 132 -2.22 41.74 1.56
N LYS A 133 -3.05 42.33 0.69
CA LYS A 133 -3.29 43.76 0.78
C LYS A 133 -3.99 44.08 2.11
N PRO A 134 -3.64 45.20 2.76
CA PRO A 134 -4.04 45.35 4.14
C PRO A 134 -5.56 45.38 4.39
N GLU A 135 -6.35 45.88 3.46
CA GLU A 135 -7.79 45.87 3.65
C GLU A 135 -8.47 44.44 3.46
N PHE A 136 -7.72 43.49 2.96
CA PHE A 136 -8.24 42.13 2.83
C PHE A 136 -7.83 41.26 3.98
N VAL A 137 -7.06 41.77 4.94
CA VAL A 137 -6.47 40.91 5.98
C VAL A 137 -7.59 40.23 6.77
N LYS A 138 -8.58 40.97 7.24
CA LYS A 138 -9.60 40.41 8.09
C LYS A 138 -10.48 39.42 7.29
N ILE A 139 -10.67 39.66 6.00
CA ILE A 139 -11.45 38.80 5.14
C ILE A 139 -10.75 37.45 4.87
N VAL A 140 -9.45 37.46 4.56
CA VAL A 140 -8.74 36.20 4.25
C VAL A 140 -8.23 35.41 5.43
N GLU A 141 -7.96 36.07 6.55
CA GLU A 141 -7.47 35.42 7.76
C GLU A 141 -8.23 34.14 8.13
N PRO A 142 -9.55 34.17 8.25
CA PRO A 142 -10.16 32.90 8.61
C PRO A 142 -10.21 31.87 7.49
N LEU A 143 -9.90 32.26 6.25
CA LEU A 143 -10.05 31.35 5.12
C LEU A 143 -8.78 30.53 4.90
N ILE A 144 -7.62 31.11 5.23
CA ILE A 144 -6.33 30.49 4.95
C ILE A 144 -5.86 29.86 6.24
N THR A 145 -6.01 28.54 6.33
CA THR A 145 -5.69 27.80 7.52
C THR A 145 -4.69 26.69 7.14
N THR A 146 -4.24 25.97 8.16
CA THR A 146 -3.39 24.81 7.98
C THR A 146 -4.18 23.55 7.52
N GLY A 147 -5.51 23.64 7.45
CA GLY A 147 -6.35 22.55 6.92
C GLY A 147 -5.79 21.80 5.74
N PRO A 148 -5.50 22.46 4.63
CA PRO A 148 -5.01 21.74 3.43
C PRO A 148 -3.59 21.05 3.64
N LEU A 149 -2.73 21.71 4.41
CA LEU A 149 -1.44 21.11 4.80
C LEU A 149 -1.61 19.86 5.64
N ALA A 150 -2.51 19.93 6.63
CA ALA A 150 -2.79 18.80 7.48
C ALA A 150 -3.40 17.67 6.64
N ALA A 151 -4.34 17.98 5.75
CA ALA A 151 -5.02 16.96 4.99
C ALA A 151 -3.98 16.14 4.18
N MET A 152 -3.03 16.81 3.56
CA MET A 152 -2.03 16.18 2.78
C MET A 152 -1.09 15.29 3.69
N ALA A 153 -0.65 15.88 4.80
CA ALA A 153 0.24 15.19 5.75
C ALA A 153 -0.43 13.96 6.36
N ASP A 154 -1.70 14.11 6.74
CA ASP A 154 -2.47 13.02 7.28
C ASP A 154 -2.63 11.89 6.27
N ALA A 155 -2.95 12.23 5.02
CA ALA A 155 -3.19 11.25 3.98
C ALA A 155 -1.86 10.51 3.63
N ILE A 156 -0.75 11.22 3.56
CA ILE A 156 0.52 10.61 3.24
C ILE A 156 1.05 9.70 4.34
N SER A 157 0.99 10.20 5.56
CA SER A 157 1.33 9.48 6.74
C SER A 157 0.55 8.11 6.80
N LYS A 158 -0.77 8.20 6.63
CA LYS A 158 -1.58 7.01 6.65
C LYS A 158 -1.29 6.03 5.48
N LEU A 159 -1.08 6.56 4.30
CA LEU A 159 -0.66 5.73 3.19
C LEU A 159 0.65 4.94 3.52
N VAL A 160 1.61 5.61 4.09
CA VAL A 160 2.86 4.93 4.47
C VAL A 160 2.73 3.94 5.63
N LEU A 161 1.95 4.29 6.64
CA LEU A 161 1.91 3.50 7.86
C LEU A 161 0.94 2.37 7.83
N GLU A 162 -0.26 2.59 7.35
CA GLU A 162 -1.38 1.65 7.63
C GLU A 162 -1.24 0.40 6.79
N HIS A 163 -2.01 -0.63 7.04
CA HIS A 163 -1.84 -1.90 6.28
C HIS A 163 -3.28 -2.34 6.01
N LYS A 164 -3.82 -2.17 4.78
CA LYS A 164 -5.27 -2.45 4.46
C LYS A 164 -5.64 -3.93 4.72
N GLN B 7 43.30 -4.56 12.73
CA GLN B 7 43.87 -3.16 12.85
C GLN B 7 43.58 -2.32 11.58
N VAL B 8 43.47 -3.01 10.41
CA VAL B 8 43.16 -2.37 9.15
C VAL B 8 41.65 -2.27 8.90
N SER B 9 41.13 -1.05 8.68
CA SER B 9 39.68 -0.91 8.48
C SER B 9 39.29 -1.52 7.13
N THR B 10 38.10 -2.09 7.06
CA THR B 10 37.61 -2.62 5.76
C THR B 10 37.07 -1.41 5.03
N VAL B 11 36.71 -1.59 3.79
CA VAL B 11 36.02 -0.57 2.95
C VAL B 11 34.56 -1.00 2.92
N THR B 12 33.66 -0.04 3.13
CA THR B 12 32.26 -0.26 3.03
C THR B 12 31.79 0.14 1.64
N LYS B 13 31.00 -0.73 1.03
CA LYS B 13 30.35 -0.45 -0.23
C LYS B 13 28.87 -0.72 -0.13
N VAL B 14 28.06 0.11 -0.75
CA VAL B 14 26.57 -0.02 -0.72
C VAL B 14 26.15 0.22 -2.17
N ILE B 15 25.49 -0.77 -2.76
CA ILE B 15 24.91 -0.61 -4.08
C ILE B 15 23.35 -0.67 -3.95
N HIS B 16 22.68 0.06 -4.83
CA HIS B 16 21.23 0.31 -4.71
C HIS B 16 20.54 0.02 -6.00
N HIS B 17 19.33 -0.52 -5.93
CA HIS B 17 18.43 -0.66 -7.08
C HIS B 17 16.96 -0.34 -6.63
N GLU B 18 16.25 0.36 -7.49
CA GLU B 18 14.84 0.64 -7.33
C GLU B 18 14.01 0.12 -8.48
N LEU B 19 12.82 -0.43 -8.15
CA LEU B 19 11.85 -0.73 -9.14
C LEU B 19 10.47 -0.22 -8.69
N GLU B 20 9.88 0.64 -9.52
CA GLU B 20 8.47 1.07 -9.35
C GLU B 20 7.57 -0.06 -9.81
N VAL B 21 6.53 -0.32 -9.02
CA VAL B 21 5.57 -1.32 -9.35
C VAL B 21 4.17 -0.79 -9.21
N ALA B 22 3.32 -1.07 -10.24
CA ALA B 22 1.90 -0.67 -10.20
C ALA B 22 1.05 -1.69 -9.41
N ALA B 23 1.49 -2.01 -8.19
CA ALA B 23 0.74 -2.76 -7.25
C ALA B 23 1.02 -2.21 -5.88
N SER B 24 0.10 -2.52 -4.95
CA SER B 24 0.18 -1.95 -3.62
C SER B 24 1.50 -2.52 -2.95
N ALA B 25 2.07 -1.70 -2.09
CA ALA B 25 3.14 -2.17 -1.23
C ALA B 25 2.78 -3.44 -0.44
N ASP B 26 1.58 -3.51 0.06
CA ASP B 26 1.18 -4.71 0.79
C ASP B 26 1.21 -5.95 -0.12
N ASP B 27 0.80 -5.84 -1.35
CA ASP B 27 0.77 -7.01 -2.24
C ASP B 27 2.23 -7.45 -2.52
N ILE B 28 3.14 -6.50 -2.75
CA ILE B 28 4.50 -6.86 -3.07
C ILE B 28 5.17 -7.43 -1.81
N TRP B 29 4.91 -6.84 -0.63
CA TRP B 29 5.49 -7.29 0.58
C TRP B 29 4.98 -8.69 0.96
N THR B 30 3.75 -9.00 0.60
CA THR B 30 3.19 -10.32 0.85
C THR B 30 4.12 -11.38 0.24
N VAL B 31 4.67 -11.12 -0.94
CA VAL B 31 5.49 -12.09 -1.60
C VAL B 31 6.89 -12.16 -1.01
N TYR B 32 7.54 -10.98 -0.82
CA TYR B 32 8.84 -10.97 -0.18
C TYR B 32 8.85 -11.59 1.20
N SER B 33 7.78 -11.51 1.95
CA SER B 33 7.81 -11.98 3.30
C SER B 33 7.08 -13.33 3.45
N TRP B 34 6.59 -13.88 2.35
CA TRP B 34 5.90 -15.17 2.45
C TRP B 34 6.84 -16.26 2.96
N PRO B 35 6.49 -16.96 4.05
CA PRO B 35 7.40 -18.07 4.52
C PRO B 35 7.64 -19.16 3.48
N GLY B 36 6.68 -19.37 2.58
CA GLY B 36 6.82 -20.31 1.48
C GLY B 36 7.77 -19.89 0.38
N LEU B 37 8.28 -18.65 0.36
CA LEU B 37 9.10 -18.18 -0.74
C LEU B 37 10.38 -19.01 -0.95
N ALA B 38 11.07 -19.29 0.15
CA ALA B 38 12.35 -19.99 0.05
C ALA B 38 12.17 -21.23 -0.69
N LYS B 39 11.21 -22.04 -0.31
CA LYS B 39 11.11 -23.31 -0.94
C LYS B 39 10.62 -23.20 -2.36
N HIS B 40 9.96 -22.11 -2.73
CA HIS B 40 9.55 -21.94 -4.14
C HIS B 40 10.52 -21.08 -4.97
N LEU B 41 11.69 -20.73 -4.45
CA LEU B 41 12.63 -19.90 -5.23
C LEU B 41 12.96 -20.45 -6.58
N PRO B 42 13.10 -21.79 -6.75
CA PRO B 42 13.37 -22.29 -8.12
C PRO B 42 12.21 -22.00 -9.10
N ASP B 43 10.97 -21.94 -8.63
CA ASP B 43 9.80 -21.55 -9.45
C ASP B 43 9.87 -20.06 -9.81
N LEU B 44 10.23 -19.25 -8.84
CA LEU B 44 10.40 -17.83 -9.06
C LEU B 44 11.55 -17.49 -9.98
N LEU B 45 12.68 -18.21 -9.87
CA LEU B 45 13.91 -17.87 -10.61
C LEU B 45 14.38 -19.14 -11.35
N PRO B 46 13.71 -19.47 -12.46
CA PRO B 46 14.02 -20.74 -13.17
C PRO B 46 15.45 -20.82 -13.66
N GLY B 47 16.08 -21.98 -13.53
CA GLY B 47 17.46 -22.12 -13.89
C GLY B 47 18.51 -21.37 -13.12
N ALA B 48 18.16 -20.64 -12.08
CA ALA B 48 19.15 -19.86 -11.31
C ALA B 48 19.93 -20.75 -10.33
N PHE B 49 19.29 -21.80 -9.82
CA PHE B 49 19.88 -22.65 -8.74
C PHE B 49 20.17 -23.99 -9.26
N GLU B 50 21.29 -24.59 -8.87
CA GLU B 50 21.47 -26.02 -9.04
C GLU B 50 20.84 -26.76 -7.88
N LYS B 51 21.07 -26.26 -6.68
CA LYS B 51 20.55 -26.88 -5.48
C LYS B 51 20.26 -25.88 -4.36
N LEU B 52 19.27 -26.19 -3.56
CA LEU B 52 18.79 -25.35 -2.51
C LEU B 52 18.34 -26.21 -1.34
N GLU B 53 18.96 -26.00 -0.20
CA GLU B 53 18.61 -26.63 1.02
C GLU B 53 18.17 -25.56 2.05
N ILE B 54 17.03 -25.79 2.67
CA ILE B 54 16.48 -24.82 3.58
C ILE B 54 16.42 -25.38 4.99
N ILE B 55 16.92 -24.63 5.96
CA ILE B 55 16.79 -25.05 7.37
C ILE B 55 15.96 -24.01 8.09
N GLY B 56 14.73 -24.36 8.47
CA GLY B 56 13.81 -23.51 9.14
C GLY B 56 12.51 -23.40 8.35
N ASP B 57 11.57 -22.62 8.88
CA ASP B 57 10.19 -22.62 8.33
C ASP B 57 9.97 -21.55 7.25
N GLY B 58 11.01 -20.80 6.87
CA GLY B 58 10.84 -19.75 5.89
C GLY B 58 10.72 -18.36 6.48
N GLY B 59 10.53 -18.27 7.80
CA GLY B 59 10.52 -17.00 8.48
C GLY B 59 11.87 -16.58 8.97
N VAL B 60 11.90 -15.54 9.82
CA VAL B 60 13.15 -15.03 10.37
C VAL B 60 13.95 -16.15 11.06
N GLY B 61 15.25 -16.14 10.92
CA GLY B 61 16.12 -17.20 11.37
C GLY B 61 16.36 -18.35 10.41
N THR B 62 15.63 -18.41 9.31
CA THR B 62 15.82 -19.46 8.32
C THR B 62 17.16 -19.30 7.63
N ILE B 63 17.84 -20.42 7.39
CA ILE B 63 19.09 -20.51 6.67
C ILE B 63 18.87 -21.26 5.34
N LEU B 64 19.41 -20.70 4.26
CA LEU B 64 19.33 -21.22 2.93
C LEU B 64 20.74 -21.49 2.44
N ASP B 65 20.97 -22.71 2.00
CA ASP B 65 22.27 -23.11 1.42
C ASP B 65 22.01 -23.25 -0.06
N MET B 66 22.57 -22.33 -0.81
CA MET B 66 22.32 -22.15 -2.23
C MET B 66 23.59 -22.61 -3.02
N THR B 67 23.37 -23.45 -3.98
CA THR B 67 24.40 -23.92 -4.89
C THR B 67 24.00 -23.58 -6.31
N PHE B 68 24.99 -23.16 -7.11
CA PHE B 68 24.76 -22.72 -8.50
C PHE B 68 25.55 -23.59 -9.49
N VAL B 69 25.38 -23.45 -10.80
CA VAL B 69 25.96 -24.51 -11.73
C VAL B 69 27.43 -24.25 -11.95
N PRO B 70 28.22 -25.31 -12.32
CA PRO B 70 29.65 -25.01 -12.68
C PRO B 70 29.73 -24.00 -13.84
N GLY B 71 30.80 -23.17 -13.88
CA GLY B 71 30.72 -21.86 -14.63
C GLY B 71 29.73 -20.77 -14.08
N GLU B 72 30.04 -20.35 -12.88
CA GLU B 72 29.27 -19.31 -12.19
C GLU B 72 29.98 -19.00 -10.85
N PHE B 73 30.10 -17.71 -10.55
CA PHE B 73 30.67 -17.29 -9.25
C PHE B 73 29.63 -16.46 -8.58
N PRO B 74 29.24 -16.73 -7.33
CA PRO B 74 29.74 -17.82 -6.51
C PRO B 74 29.17 -19.14 -6.93
N HIS B 75 29.80 -20.20 -6.47
CA HIS B 75 29.33 -21.55 -6.60
C HIS B 75 28.32 -21.87 -5.47
N GLU B 76 28.61 -21.44 -4.25
CA GLU B 76 27.84 -21.84 -3.08
C GLU B 76 27.97 -20.78 -1.99
N TYR B 77 26.87 -20.55 -1.25
CA TYR B 77 26.92 -19.79 0.00
C TYR B 77 25.70 -20.11 0.83
N LYS B 78 25.80 -19.84 2.12
CA LYS B 78 24.66 -19.90 2.99
C LYS B 78 24.23 -18.47 3.32
N GLU B 79 22.92 -18.24 3.33
CA GLU B 79 22.38 -17.00 3.77
C GLU B 79 21.36 -17.20 4.88
N LYS B 80 21.10 -16.15 5.61
CA LYS B 80 20.15 -16.20 6.70
C LYS B 80 19.21 -15.01 6.63
N PHE B 81 17.97 -15.26 6.88
CA PHE B 81 16.96 -14.23 7.05
C PHE B 81 17.12 -13.66 8.47
N ILE B 82 17.72 -12.48 8.55
CA ILE B 82 18.01 -11.81 9.80
C ILE B 82 16.81 -11.01 10.28
N LEU B 83 15.99 -10.42 9.40
CA LEU B 83 14.88 -9.55 9.81
C LEU B 83 13.78 -9.64 8.78
N VAL B 84 12.57 -9.82 9.22
CA VAL B 84 11.40 -9.81 8.31
C VAL B 84 10.35 -8.91 8.95
N ASP B 85 10.52 -7.61 8.82
CA ASP B 85 9.82 -6.54 9.59
C ASP B 85 8.54 -6.06 8.83
N ASN B 86 7.38 -6.53 9.29
CA ASN B 86 6.12 -6.21 8.61
C ASN B 86 5.74 -4.72 8.71
N GLU B 87 6.07 -4.09 9.80
CA GLU B 87 5.60 -2.75 10.00
C GLU B 87 6.34 -1.75 9.06
N HIS B 88 7.61 -2.00 8.76
CA HIS B 88 8.33 -1.19 7.82
C HIS B 88 8.55 -1.82 6.45
N ARG B 89 7.99 -2.99 6.22
CA ARG B 89 8.14 -3.74 4.96
C ARG B 89 9.64 -3.80 4.62
N LEU B 90 10.42 -4.31 5.58
CA LEU B 90 11.87 -4.31 5.55
C LEU B 90 12.34 -5.75 5.81
N LYS B 91 13.09 -6.31 4.87
CA LYS B 91 13.70 -7.64 4.99
C LYS B 91 15.20 -7.53 4.88
N LYS B 92 15.91 -8.25 5.78
CA LYS B 92 17.36 -8.30 5.74
C LYS B 92 17.77 -9.76 5.61
N VAL B 93 18.68 -10.02 4.66
CA VAL B 93 19.22 -11.36 4.37
C VAL B 93 20.74 -11.25 4.36
N GLN B 94 21.42 -12.00 5.24
CA GLN B 94 22.87 -11.92 5.40
C GLN B 94 23.56 -13.13 4.78
N MET B 95 24.61 -12.91 4.03
CA MET B 95 25.46 -14.07 3.56
C MET B 95 26.35 -14.40 4.79
N ILE B 96 26.20 -15.62 5.29
CA ILE B 96 26.86 -16.07 6.52
C ILE B 96 28.00 -17.03 6.33
N GLU B 97 28.11 -17.70 5.17
CA GLU B 97 29.18 -18.62 4.92
C GLU B 97 29.41 -18.73 3.44
N GLY B 98 30.69 -18.84 3.03
CA GLY B 98 30.99 -19.06 1.61
C GLY B 98 30.75 -17.84 0.76
N GLY B 99 30.47 -18.06 -0.53
CA GLY B 99 30.36 -16.95 -1.48
C GLY B 99 31.49 -15.91 -1.35
N TYR B 100 31.09 -14.65 -1.30
CA TYR B 100 32.00 -13.52 -1.23
C TYR B 100 32.81 -13.47 0.04
N LEU B 101 32.36 -14.19 1.08
CA LEU B 101 33.19 -14.23 2.30
C LEU B 101 34.51 -14.99 2.05
N ASP B 102 34.65 -15.71 0.94
CA ASP B 102 35.95 -16.35 0.63
C ASP B 102 36.83 -15.48 -0.27
N LEU B 103 36.46 -14.22 -0.45
CA LEU B 103 37.12 -13.28 -1.32
C LEU B 103 37.34 -11.92 -0.60
N GLY B 104 37.73 -12.00 0.68
CA GLY B 104 38.15 -10.79 1.39
C GLY B 104 36.99 -10.01 2.01
N VAL B 105 35.75 -10.54 1.98
CA VAL B 105 34.61 -9.82 2.48
C VAL B 105 34.29 -10.35 3.87
N THR B 106 34.04 -9.45 4.81
CA THR B 106 33.85 -9.76 6.20
C THR B 106 32.43 -9.56 6.58
N TYR B 107 31.60 -8.89 5.75
CA TYR B 107 30.17 -8.66 6.05
C TYR B 107 29.45 -8.45 4.68
N TYR B 108 28.33 -9.11 4.48
CA TYR B 108 27.53 -8.93 3.24
C TYR B 108 26.05 -9.05 3.62
N MET B 109 25.31 -7.98 3.38
CA MET B 109 23.91 -7.89 3.78
C MET B 109 23.05 -7.32 2.66
N ASP B 110 22.01 -8.07 2.28
CA ASP B 110 20.97 -7.54 1.39
C ASP B 110 19.78 -6.95 2.23
N THR B 111 19.26 -5.79 1.81
CA THR B 111 18.10 -5.18 2.43
C THR B 111 17.09 -4.93 1.34
N ILE B 112 15.83 -5.29 1.61
CA ILE B 112 14.75 -5.00 0.68
C ILE B 112 13.70 -4.26 1.44
N HIS B 113 13.32 -3.10 0.94
CA HIS B 113 12.36 -2.23 1.65
C HIS B 113 11.33 -1.79 0.62
N VAL B 114 10.08 -2.07 0.91
CA VAL B 114 8.97 -1.78 -0.01
C VAL B 114 8.23 -0.57 0.50
N VAL B 115 8.14 0.46 -0.32
CA VAL B 115 7.57 1.76 0.12
C VAL B 115 6.38 2.13 -0.75
N PRO B 116 5.22 2.37 -0.13
CA PRO B 116 4.08 2.82 -0.94
C PRO B 116 4.30 4.15 -1.63
N THR B 117 3.76 4.24 -2.83
CA THR B 117 3.69 5.53 -3.52
C THR B 117 2.25 5.98 -3.77
N GLY B 118 1.27 5.10 -3.72
CA GLY B 118 -0.13 5.42 -3.80
C GLY B 118 -0.87 4.16 -3.43
N LYS B 119 -2.19 4.26 -3.51
CA LYS B 119 -3.09 3.16 -3.13
C LYS B 119 -2.73 1.83 -3.79
N ASP B 120 -2.38 1.93 -5.06
CA ASP B 120 -2.12 0.71 -5.86
C ASP B 120 -0.69 0.74 -6.49
N SER B 121 0.27 1.36 -5.80
CA SER B 121 1.62 1.47 -6.37
C SER B 121 2.66 1.56 -5.26
N CYS B 122 3.88 1.13 -5.53
CA CYS B 122 4.98 1.10 -4.58
C CYS B 122 6.29 1.17 -5.27
N VAL B 123 7.36 1.24 -4.50
CA VAL B 123 8.68 1.08 -5.00
C VAL B 123 9.40 0.11 -4.13
N ILE B 124 10.18 -0.81 -4.78
CA ILE B 124 10.97 -1.83 -4.09
C ILE B 124 12.37 -1.25 -4.08
N LYS B 125 12.86 -0.92 -2.88
CA LYS B 125 14.18 -0.32 -2.76
C LYS B 125 15.07 -1.47 -2.21
N SER B 126 15.91 -2.00 -3.09
CA SER B 126 16.78 -3.15 -2.78
C SER B 126 18.27 -2.58 -2.67
N SER B 127 19.00 -3.03 -1.67
CA SER B 127 20.40 -2.66 -1.59
C SER B 127 21.25 -3.81 -1.04
N THR B 128 22.54 -3.75 -1.35
CA THR B 128 23.54 -4.68 -0.82
C THR B 128 24.63 -3.87 -0.21
N GLU B 129 24.94 -4.16 1.05
CA GLU B 129 26.07 -3.53 1.75
C GLU B 129 27.09 -4.59 2.05
N TYR B 130 28.34 -4.34 1.69
CA TYR B 130 29.42 -5.27 2.02
C TYR B 130 30.68 -4.53 2.50
N HIS B 131 31.42 -5.24 3.34
CA HIS B 131 32.64 -4.73 3.91
C HIS B 131 33.76 -5.64 3.42
N VAL B 132 34.76 -5.03 2.83
CA VAL B 132 35.83 -5.74 2.12
C VAL B 132 37.20 -5.25 2.58
N LYS B 133 38.13 -6.17 2.80
CA LYS B 133 39.53 -5.83 3.03
C LYS B 133 40.08 -5.05 1.82
N PRO B 134 40.86 -3.95 2.11
CA PRO B 134 41.10 -3.01 1.05
C PRO B 134 41.87 -3.57 -0.18
N GLU B 135 42.71 -4.55 0.00
CA GLU B 135 43.40 -5.17 -1.13
C GLU B 135 42.51 -6.07 -2.04
N PHE B 136 41.33 -6.41 -1.59
CA PHE B 136 40.41 -7.19 -2.39
C PHE B 136 39.37 -6.32 -3.09
N VAL B 137 39.42 -5.03 -2.93
CA VAL B 137 38.33 -4.16 -3.44
C VAL B 137 38.24 -4.26 -4.97
N LYS B 138 39.36 -4.18 -5.68
CA LYS B 138 39.35 -4.20 -7.15
C LYS B 138 38.91 -5.59 -7.65
N ILE B 139 39.19 -6.65 -6.91
CA ILE B 139 38.76 -8.00 -7.26
C ILE B 139 37.25 -8.20 -7.08
N VAL B 140 36.69 -7.77 -5.94
CA VAL B 140 35.24 -8.00 -5.67
C VAL B 140 34.27 -6.99 -6.28
N GLU B 141 34.73 -5.75 -6.50
CA GLU B 141 33.84 -4.72 -7.02
C GLU B 141 33.07 -5.11 -8.25
N PRO B 142 33.73 -5.59 -9.30
CA PRO B 142 32.90 -6.03 -10.42
C PRO B 142 32.09 -7.29 -10.22
N LEU B 143 32.30 -8.04 -9.14
CA LEU B 143 31.51 -9.26 -8.93
C LEU B 143 30.20 -9.00 -8.20
N ILE B 144 30.16 -7.99 -7.35
CA ILE B 144 28.97 -7.69 -6.55
C ILE B 144 28.15 -6.59 -7.22
N THR B 145 27.09 -6.96 -7.90
CA THR B 145 26.30 -6.01 -8.65
C THR B 145 24.81 -6.13 -8.12
N THR B 146 23.97 -5.28 -8.64
CA THR B 146 22.55 -5.29 -8.36
C THR B 146 21.79 -6.38 -9.15
N GLY B 147 22.47 -7.12 -10.04
CA GLY B 147 21.87 -8.22 -10.74
C GLY B 147 20.90 -9.11 -9.96
N PRO B 148 21.37 -9.72 -8.84
CA PRO B 148 20.49 -10.59 -8.05
C PRO B 148 19.24 -9.87 -7.42
N LEU B 149 19.44 -8.64 -6.97
CA LEU B 149 18.37 -7.79 -6.44
C LEU B 149 17.32 -7.53 -7.53
N ALA B 150 17.79 -7.14 -8.73
CA ALA B 150 16.93 -6.83 -9.81
C ALA B 150 16.15 -8.06 -10.25
N ALA B 151 16.81 -9.20 -10.32
CA ALA B 151 16.13 -10.43 -10.78
C ALA B 151 14.98 -10.76 -9.87
N MET B 152 15.17 -10.63 -8.57
CA MET B 152 14.16 -10.93 -7.58
C MET B 152 12.97 -9.89 -7.73
N ALA B 153 13.31 -8.60 -7.85
CA ALA B 153 12.34 -7.53 -7.97
C ALA B 153 11.50 -7.68 -9.25
N ASP B 154 12.19 -7.99 -10.35
CA ASP B 154 11.50 -8.18 -11.62
C ASP B 154 10.56 -9.40 -11.57
N ALA B 155 11.02 -10.50 -10.96
CA ALA B 155 10.22 -11.72 -10.87
C ALA B 155 8.99 -11.54 -9.98
N ILE B 156 9.19 -10.85 -8.86
CA ILE B 156 8.09 -10.65 -7.91
C ILE B 156 7.04 -9.67 -8.46
N SER B 157 7.52 -8.57 -9.02
CA SER B 157 6.73 -7.59 -9.73
C SER B 157 5.87 -8.25 -10.78
N LYS B 158 6.44 -9.05 -11.63
CA LYS B 158 5.68 -9.72 -12.72
C LYS B 158 4.63 -10.70 -12.17
N LEU B 159 5.03 -11.45 -11.16
CA LEU B 159 4.07 -12.32 -10.51
C LEU B 159 2.86 -11.56 -9.96
N VAL B 160 3.14 -10.45 -9.29
CA VAL B 160 2.04 -9.62 -8.77
C VAL B 160 1.24 -8.89 -9.78
N LEU B 161 1.83 -8.38 -10.81
CA LEU B 161 1.11 -7.69 -11.87
C LEU B 161 0.40 -8.59 -12.84
N GLU B 162 0.60 -9.89 -12.81
CA GLU B 162 -0.02 -10.74 -13.86
C GLU B 162 -1.54 -10.78 -13.73
N HIS B 163 -2.27 -10.78 -14.85
CA HIS B 163 -3.74 -11.02 -14.87
C HIS B 163 -4.22 -11.82 -16.09
N LYS B 164 -5.41 -12.38 -15.89
CA LYS B 164 -6.33 -12.77 -16.98
C LYS B 164 -6.58 -11.71 -18.05
N GLN C 7 -23.81 12.87 12.23
CA GLN C 7 -24.58 13.21 13.49
C GLN C 7 -24.53 12.11 14.55
N VAL C 8 -24.44 10.84 14.11
CA VAL C 8 -24.48 9.68 15.02
C VAL C 8 -23.09 9.28 15.49
N SER C 9 -22.83 9.25 16.78
CA SER C 9 -21.51 8.82 17.29
C SER C 9 -21.35 7.32 17.10
N THR C 10 -20.21 6.82 16.63
CA THR C 10 -19.98 5.45 16.48
C THR C 10 -18.53 5.10 16.82
N VAL C 11 -18.26 3.80 17.03
CA VAL C 11 -16.94 3.22 17.22
C VAL C 11 -16.70 2.31 16.01
N THR C 12 -15.46 2.30 15.47
CA THR C 12 -15.10 1.53 14.34
C THR C 12 -14.40 0.25 14.80
N LYS C 13 -14.81 -0.88 14.22
CA LYS C 13 -14.17 -2.17 14.45
C LYS C 13 -13.78 -2.79 13.09
N VAL C 14 -12.62 -3.44 13.04
CA VAL C 14 -12.15 -4.13 11.84
C VAL C 14 -11.66 -5.47 12.29
N ILE C 15 -12.18 -6.56 11.71
CA ILE C 15 -11.65 -7.90 11.94
C ILE C 15 -11.10 -8.45 10.59
N HIS C 16 -10.12 -9.34 10.70
CA HIS C 16 -9.34 -9.82 9.54
C HIS C 16 -9.20 -11.30 9.59
N HIS C 17 -9.11 -11.91 8.41
CA HIS C 17 -8.87 -13.34 8.20
C HIS C 17 -8.03 -13.55 6.90
N GLU C 18 -7.07 -14.44 6.96
CA GLU C 18 -6.29 -14.88 5.79
C GLU C 18 -6.37 -16.40 5.58
N LEU C 19 -6.51 -16.83 4.33
CA LEU C 19 -6.33 -18.22 4.01
C LEU C 19 -5.37 -18.41 2.81
N GLU C 20 -4.30 -19.18 3.06
CA GLU C 20 -3.34 -19.58 1.98
C GLU C 20 -4.00 -20.68 1.15
N VAL C 21 -3.91 -20.55 -0.15
CA VAL C 21 -4.49 -21.53 -1.05
C VAL C 21 -3.44 -21.97 -2.10
N ALA C 22 -3.35 -23.27 -2.29
CA ALA C 22 -2.42 -23.81 -3.36
C ALA C 22 -3.10 -23.82 -4.72
N ALA C 23 -3.68 -22.66 -5.11
CA ALA C 23 -4.15 -22.41 -6.43
C ALA C 23 -3.86 -21.00 -6.79
N SER C 24 -3.86 -20.72 -8.09
CA SER C 24 -3.46 -19.42 -8.59
C SER C 24 -4.51 -18.37 -8.11
N ALA C 25 -4.03 -17.18 -7.91
CA ALA C 25 -4.86 -16.01 -7.72
C ALA C 25 -5.93 -15.87 -8.81
N ASP C 26 -5.59 -16.09 -10.10
CA ASP C 26 -6.62 -16.04 -11.14
C ASP C 26 -7.75 -17.02 -10.89
N ASP C 27 -7.41 -18.26 -10.50
CA ASP C 27 -8.47 -19.24 -10.30
C ASP C 27 -9.36 -18.88 -9.14
N ILE C 28 -8.75 -18.41 -8.05
CA ILE C 28 -9.53 -18.12 -6.85
C ILE C 28 -10.38 -16.86 -7.09
N TRP C 29 -9.80 -15.85 -7.73
CA TRP C 29 -10.50 -14.60 -7.98
C TRP C 29 -11.65 -14.84 -8.95
N THR C 30 -11.46 -15.76 -9.89
CA THR C 30 -12.57 -16.11 -10.82
C THR C 30 -13.77 -16.50 -10.09
N VAL C 31 -13.66 -17.22 -9.01
CA VAL C 31 -14.83 -17.67 -8.27
C VAL C 31 -15.43 -16.58 -7.42
N TYR C 32 -14.60 -15.81 -6.72
CA TYR C 32 -15.18 -14.64 -6.02
C TYR C 32 -15.88 -13.64 -6.93
N SER C 33 -15.52 -13.53 -8.17
CA SER C 33 -15.95 -12.44 -9.01
C SER C 33 -16.82 -12.83 -10.17
N TRP C 34 -16.91 -14.08 -10.56
CA TRP C 34 -17.78 -14.44 -11.68
CA TRP C 34 -17.79 -14.50 -11.63
C TRP C 34 -19.25 -14.06 -11.41
N PRO C 35 -19.86 -13.30 -12.32
CA PRO C 35 -21.26 -12.91 -12.10
C PRO C 35 -22.29 -14.02 -11.91
N GLY C 36 -22.08 -15.13 -12.57
CA GLY C 36 -22.91 -16.34 -12.32
C GLY C 36 -22.78 -17.01 -10.93
N LEU C 37 -21.76 -16.67 -10.17
CA LEU C 37 -21.63 -17.21 -8.80
C LEU C 37 -22.70 -16.82 -7.91
N ALA C 38 -23.16 -15.55 -7.99
CA ALA C 38 -24.02 -15.00 -7.03
C ALA C 38 -25.18 -15.88 -6.86
N LYS C 39 -25.83 -16.26 -7.99
CA LYS C 39 -27.02 -17.05 -7.79
C LYS C 39 -26.75 -18.42 -7.19
N HIS C 40 -25.53 -18.92 -7.33
CA HIS C 40 -25.13 -20.19 -6.86
C HIS C 40 -24.47 -20.16 -5.43
N LEU C 41 -24.47 -19.03 -4.73
CA LEU C 41 -24.04 -19.01 -3.33
C LEU C 41 -24.64 -20.14 -2.44
N PRO C 42 -25.95 -20.44 -2.60
CA PRO C 42 -26.51 -21.52 -1.77
C PRO C 42 -25.90 -22.91 -2.10
N ASP C 43 -25.45 -23.17 -3.35
CA ASP C 43 -24.67 -24.38 -3.68
C ASP C 43 -23.33 -24.40 -2.94
N LEU C 44 -22.67 -23.26 -2.93
CA LEU C 44 -21.43 -23.14 -2.22
C LEU C 44 -21.55 -23.26 -0.71
N LEU C 45 -22.64 -22.77 -0.11
CA LEU C 45 -22.85 -22.84 1.34
C LEU C 45 -24.12 -23.62 1.77
N PRO C 46 -24.08 -24.93 1.64
CA PRO C 46 -25.22 -25.82 1.92
C PRO C 46 -25.82 -25.65 3.31
N GLY C 47 -27.14 -25.69 3.35
CA GLY C 47 -27.80 -25.65 4.63
C GLY C 47 -27.84 -24.26 5.25
N ALA C 48 -27.24 -23.23 4.63
CA ALA C 48 -27.18 -21.94 5.31
C ALA C 48 -28.49 -21.14 5.03
N PHE C 49 -28.95 -21.19 3.77
CA PHE C 49 -29.98 -20.26 3.28
C PHE C 49 -31.36 -20.89 3.24
N GLU C 50 -32.34 -20.15 3.77
CA GLU C 50 -33.74 -20.42 3.54
C GLU C 50 -34.19 -19.84 2.21
N LYS C 51 -33.68 -18.66 1.88
CA LYS C 51 -34.03 -18.03 0.63
C LYS C 51 -32.93 -17.06 0.17
N LEU C 52 -32.71 -17.03 -1.14
CA LEU C 52 -31.84 -16.04 -1.74
C LEU C 52 -32.50 -15.45 -2.96
N GLU C 53 -32.65 -14.15 -2.94
CA GLU C 53 -33.28 -13.44 -4.00
C GLU C 53 -32.30 -12.34 -4.52
N ILE C 54 -32.10 -12.29 -5.81
CA ILE C 54 -31.10 -11.45 -6.38
C ILE C 54 -31.74 -10.43 -7.32
N ILE C 55 -31.34 -9.15 -7.23
CA ILE C 55 -31.61 -8.20 -8.27
C ILE C 55 -30.36 -7.75 -8.96
N GLY C 56 -30.19 -8.10 -10.22
CA GLY C 56 -29.02 -7.75 -11.01
C GLY C 56 -28.35 -8.98 -11.57
N ASP C 57 -27.29 -8.82 -12.37
CA ASP C 57 -26.68 -9.93 -13.11
C ASP C 57 -25.55 -10.65 -12.33
N GLY C 58 -25.28 -10.28 -11.09
CA GLY C 58 -24.22 -10.89 -10.34
C GLY C 58 -22.95 -10.08 -10.29
N GLY C 59 -22.86 -9.03 -11.12
CA GLY C 59 -21.72 -8.16 -11.09
C GLY C 59 -21.93 -7.00 -10.15
N VAL C 60 -21.07 -5.98 -10.29
CA VAL C 60 -21.15 -4.81 -9.44
C VAL C 60 -22.53 -4.16 -9.52
N GLY C 61 -23.04 -3.68 -8.39
CA GLY C 61 -24.38 -3.12 -8.28
C GLY C 61 -25.46 -4.15 -7.94
N THR C 62 -25.13 -5.44 -7.92
CA THR C 62 -26.15 -6.44 -7.63
C THR C 62 -26.54 -6.39 -6.18
N ILE C 63 -27.84 -6.55 -5.91
CA ILE C 63 -28.39 -6.61 -4.54
C ILE C 63 -28.93 -8.04 -4.28
N LEU C 64 -28.60 -8.59 -3.12
CA LEU C 64 -28.91 -9.92 -2.73
C LEU C 64 -29.61 -9.85 -1.39
N ASP C 65 -30.82 -10.43 -1.34
CA ASP C 65 -31.62 -10.52 -0.12
C ASP C 65 -31.50 -11.94 0.34
N MET C 66 -30.86 -12.09 1.47
CA MET C 66 -30.50 -13.37 2.05
C MET C 66 -31.32 -13.64 3.32
N THR C 67 -32.03 -14.76 3.31
CA THR C 67 -32.79 -15.20 4.49
C THR C 67 -32.18 -16.52 4.94
N PHE C 68 -31.85 -16.62 6.22
CA PHE C 68 -31.19 -17.80 6.75
C PHE C 68 -32.16 -18.70 7.51
N VAL C 69 -31.78 -19.93 7.75
CA VAL C 69 -32.60 -20.92 8.49
C VAL C 69 -32.81 -20.52 9.93
N PRO C 70 -33.87 -21.01 10.60
CA PRO C 70 -34.05 -20.58 12.02
C PRO C 70 -32.81 -20.94 12.87
N GLY C 71 -32.58 -20.15 13.92
CA GLY C 71 -31.49 -20.37 14.85
C GLY C 71 -30.24 -19.67 14.45
N GLU C 72 -30.18 -19.14 13.24
CA GLU C 72 -29.11 -18.26 12.79
C GLU C 72 -29.42 -16.82 13.14
N PHE C 73 -28.41 -16.09 13.62
CA PHE C 73 -28.44 -14.64 13.63
C PHE C 73 -27.31 -14.17 12.75
N PRO C 74 -27.52 -13.29 11.78
CA PRO C 74 -28.79 -12.68 11.45
C PRO C 74 -29.72 -13.63 10.75
N HIS C 75 -30.99 -13.27 10.79
CA HIS C 75 -32.02 -14.02 10.09
C HIS C 75 -32.14 -13.56 8.63
N GLU C 76 -32.06 -12.25 8.42
CA GLU C 76 -32.23 -11.69 7.07
C GLU C 76 -31.46 -10.37 6.94
N TYR C 77 -30.90 -10.14 5.77
CA TYR C 77 -30.35 -8.83 5.38
C TYR C 77 -30.24 -8.75 3.87
N LYS C 78 -30.12 -7.54 3.36
CA LYS C 78 -29.77 -7.32 1.98
C LYS C 78 -28.32 -6.83 1.92
N GLU C 79 -27.61 -7.29 0.92
CA GLU C 79 -26.25 -6.85 0.69
C GLU C 79 -26.13 -6.36 -0.76
N LYS C 80 -25.08 -5.60 -1.00
CA LYS C 80 -24.86 -5.05 -2.31
C LYS C 80 -23.36 -5.21 -2.64
N PHE C 81 -23.13 -5.60 -3.89
CA PHE C 81 -21.78 -5.66 -4.43
C PHE C 81 -21.38 -4.21 -4.83
N ILE C 82 -20.57 -3.58 -4.01
CA ILE C 82 -20.14 -2.22 -4.18
C ILE C 82 -18.96 -2.11 -5.16
N LEU C 83 -18.03 -3.07 -5.14
CA LEU C 83 -16.81 -3.04 -5.98
C LEU C 83 -16.45 -4.43 -6.35
N VAL C 84 -16.20 -4.64 -7.65
CA VAL C 84 -15.73 -5.94 -8.12
C VAL C 84 -14.57 -5.57 -9.06
N ASP C 85 -13.40 -5.30 -8.45
CA ASP C 85 -12.26 -4.69 -9.19
C ASP C 85 -11.31 -5.85 -9.66
N ASN C 86 -11.40 -6.17 -10.95
CA ASN C 86 -10.58 -7.26 -11.51
C ASN C 86 -9.08 -6.94 -11.53
N GLU C 87 -8.73 -5.71 -11.73
CA GLU C 87 -7.35 -5.36 -11.88
C GLU C 87 -6.60 -5.49 -10.56
N HIS C 88 -7.23 -5.19 -9.45
CA HIS C 88 -6.63 -5.31 -8.13
C HIS C 88 -7.18 -6.48 -7.29
N ARG C 89 -7.98 -7.32 -7.91
CA ARG C 89 -8.60 -8.48 -7.23
C ARG C 89 -9.18 -8.06 -5.88
N LEU C 90 -10.05 -7.06 -5.94
CA LEU C 90 -10.61 -6.43 -4.74
C LEU C 90 -12.14 -6.40 -4.87
N LYS C 91 -12.83 -7.04 -3.93
CA LYS C 91 -14.30 -7.09 -3.88
C LYS C 91 -14.79 -6.49 -2.60
N LYS C 92 -15.80 -5.61 -2.69
CA LYS C 92 -16.45 -5.04 -1.54
C LYS C 92 -17.97 -5.35 -1.58
N VAL C 93 -18.47 -5.84 -0.46
CA VAL C 93 -19.88 -6.25 -0.30
C VAL C 93 -20.42 -5.58 0.97
N GLN C 94 -21.43 -4.70 0.78
CA GLN C 94 -21.97 -3.90 1.90
C GLN C 94 -23.31 -4.42 2.35
N MET C 95 -23.48 -4.57 3.66
CA MET C 95 -24.78 -4.92 4.20
C MET C 95 -25.58 -3.57 4.20
N ILE C 96 -26.67 -3.54 3.42
CA ILE C 96 -27.42 -2.31 3.18
C ILE C 96 -28.77 -2.22 3.87
N GLU C 97 -29.31 -3.33 4.36
CA GLU C 97 -30.64 -3.29 5.04
C GLU C 97 -30.70 -4.54 5.93
N GLY C 98 -31.25 -4.37 7.14
CA GLY C 98 -31.45 -5.55 7.98
C GLY C 98 -30.15 -6.02 8.62
N GLY C 99 -30.14 -7.28 9.04
CA GLY C 99 -29.03 -7.84 9.77
C GLY C 99 -28.58 -6.92 10.91
N TYR C 100 -27.24 -6.71 10.99
CA TYR C 100 -26.68 -5.93 12.07
C TYR C 100 -27.05 -4.47 12.04
N LEU C 101 -27.59 -3.97 10.92
CA LEU C 101 -28.10 -2.62 10.90
C LEU C 101 -29.31 -2.45 11.85
N ASP C 102 -29.95 -3.53 12.29
CA ASP C 102 -31.06 -3.42 13.24
C ASP C 102 -30.55 -3.69 14.68
N LEU C 103 -29.25 -3.64 14.92
CA LEU C 103 -28.62 -3.90 16.18
C LEU C 103 -27.49 -2.82 16.43
N GLY C 104 -27.80 -1.57 16.08
CA GLY C 104 -26.90 -0.45 16.47
C GLY C 104 -25.77 -0.18 15.55
N VAL C 105 -25.73 -0.84 14.39
CA VAL C 105 -24.61 -0.69 13.47
C VAL C 105 -25.11 0.20 12.34
N THR C 106 -24.28 1.15 11.94
CA THR C 106 -24.59 2.13 10.92
C THR C 106 -23.90 1.90 9.65
N TYR C 107 -22.86 1.03 9.65
CA TYR C 107 -22.03 0.74 8.49
C TYR C 107 -21.42 -0.66 8.65
N TYR C 108 -21.58 -1.49 7.63
CA TYR C 108 -21.01 -2.87 7.69
C TYR C 108 -20.52 -3.22 6.27
N MET C 109 -19.22 -3.46 6.15
CA MET C 109 -18.61 -3.68 4.85
C MET C 109 -17.61 -4.87 4.90
N ASP C 110 -17.83 -5.87 4.01
CA ASP C 110 -16.90 -6.97 3.84
C ASP C 110 -15.95 -6.64 2.63
N THR C 111 -14.63 -6.95 2.77
CA THR C 111 -13.68 -6.70 1.71
C THR C 111 -12.93 -8.03 1.51
N ILE C 112 -12.74 -8.43 0.25
CA ILE C 112 -11.96 -9.60 -0.04
C ILE C 112 -10.93 -9.19 -1.09
N HIS C 113 -9.65 -9.53 -0.83
CA HIS C 113 -8.58 -9.20 -1.69
C HIS C 113 -7.72 -10.49 -1.89
N VAL C 114 -7.47 -10.86 -3.11
CA VAL C 114 -6.69 -12.06 -3.44
C VAL C 114 -5.32 -11.63 -3.92
N VAL C 115 -4.29 -12.17 -3.28
CA VAL C 115 -2.89 -11.81 -3.64
C VAL C 115 -2.10 -13.05 -4.03
N PRO C 116 -1.45 -13.05 -5.20
CA PRO C 116 -0.60 -14.15 -5.55
C PRO C 116 0.60 -14.30 -4.57
N THR C 117 0.97 -15.55 -4.32
CA THR C 117 2.20 -15.86 -3.66
C THR C 117 3.18 -16.70 -4.50
N GLY C 118 2.71 -17.30 -5.59
CA GLY C 118 3.59 -18.03 -6.56
C GLY C 118 2.71 -18.33 -7.73
N LYS C 119 3.24 -18.93 -8.75
CA LYS C 119 2.52 -19.26 -9.98
C LYS C 119 1.15 -19.91 -9.76
N ASP C 120 1.12 -20.83 -8.82
CA ASP C 120 -0.01 -21.61 -8.52
C ASP C 120 -0.44 -21.54 -7.03
N SER C 121 -0.25 -20.39 -6.41
CA SER C 121 -0.61 -20.21 -5.02
C SER C 121 -1.00 -18.75 -4.75
N CYS C 122 -1.83 -18.52 -3.77
CA CYS C 122 -2.31 -17.20 -3.40
C CYS C 122 -2.72 -17.15 -1.96
N VAL C 123 -3.11 -15.96 -1.51
CA VAL C 123 -3.70 -15.80 -0.20
C VAL C 123 -4.94 -14.96 -0.40
N ILE C 124 -6.02 -15.36 0.29
CA ILE C 124 -7.31 -14.65 0.31
C ILE C 124 -7.34 -13.84 1.57
N LYS C 125 -7.29 -12.52 1.41
CA LYS C 125 -7.26 -11.63 2.59
C LYS C 125 -8.72 -11.05 2.70
N SER C 126 -9.42 -11.50 3.72
CA SER C 126 -10.80 -11.11 3.99
C SER C 126 -10.85 -10.18 5.22
N SER C 127 -11.73 -9.16 5.20
CA SER C 127 -11.94 -8.37 6.39
C SER C 127 -13.40 -7.83 6.46
N THR C 128 -13.82 -7.50 7.67
CA THR C 128 -15.10 -6.87 7.94
C THR C 128 -14.85 -5.63 8.72
N GLU C 129 -15.41 -4.51 8.24
CA GLU C 129 -15.35 -3.23 8.98
C GLU C 129 -16.80 -2.86 9.34
N TYR C 130 -17.02 -2.52 10.61
CA TYR C 130 -18.32 -2.04 11.03
C TYR C 130 -18.24 -0.89 12.00
N HIS C 131 -19.25 -0.04 11.96
CA HIS C 131 -19.32 1.14 12.82
C HIS C 131 -20.61 0.94 13.66
N VAL C 132 -20.40 0.99 14.97
CA VAL C 132 -21.40 0.63 15.92
C VAL C 132 -21.59 1.76 16.98
N LYS C 133 -22.84 2.04 17.32
CA LYS C 133 -23.12 2.97 18.41
C LYS C 133 -22.55 2.43 19.70
N PRO C 134 -22.00 3.32 20.55
CA PRO C 134 -21.12 2.79 21.60
C PRO C 134 -21.87 1.94 22.64
N GLU C 135 -23.16 2.20 22.89
CA GLU C 135 -23.87 1.32 23.82
C GLU C 135 -24.23 -0.11 23.26
N PHE C 136 -24.07 -0.31 21.97
CA PHE C 136 -24.29 -1.62 21.38
C PHE C 136 -23.00 -2.43 21.25
N VAL C 137 -21.86 -1.89 21.62
CA VAL C 137 -20.57 -2.54 21.41
C VAL C 137 -20.53 -3.93 22.05
N LYS C 138 -20.90 -4.07 23.32
CA LYS C 138 -20.74 -5.35 23.99
C LYS C 138 -21.79 -6.34 23.44
N ILE C 139 -22.92 -5.87 22.95
CA ILE C 139 -23.96 -6.71 22.38
C ILE C 139 -23.53 -7.27 21.01
N VAL C 140 -22.98 -6.43 20.12
CA VAL C 140 -22.59 -6.90 18.77
C VAL C 140 -21.23 -7.59 18.66
N GLU C 141 -20.30 -7.24 19.54
CA GLU C 141 -18.94 -7.80 19.44
C GLU C 141 -18.88 -9.30 19.35
N PRO C 142 -19.52 -10.04 20.22
CA PRO C 142 -19.47 -11.49 19.99
C PRO C 142 -20.26 -12.01 18.81
N LEU C 143 -21.11 -11.20 18.18
CA LEU C 143 -21.93 -11.69 17.08
C LEU C 143 -21.20 -11.57 15.74
N ILE C 144 -20.33 -10.55 15.62
CA ILE C 144 -19.67 -10.25 14.37
C ILE C 144 -18.27 -10.89 14.45
N THR C 145 -18.08 -12.00 13.80
CA THR C 145 -16.78 -12.71 13.83
C THR C 145 -16.33 -12.90 12.37
N THR C 146 -15.11 -13.44 12.25
CA THR C 146 -14.58 -13.81 10.93
C THR C 146 -15.18 -15.14 10.39
N GLY C 147 -16.00 -15.83 11.19
CA GLY C 147 -16.72 -17.04 10.73
C GLY C 147 -17.21 -17.01 9.29
N PRO C 148 -18.06 -16.04 8.91
CA PRO C 148 -18.60 -16.02 7.53
C PRO C 148 -17.52 -15.79 6.43
N LEU C 149 -16.52 -14.97 6.70
CA LEU C 149 -15.37 -14.81 5.80
C LEU C 149 -14.60 -16.12 5.61
N ALA C 150 -14.33 -16.81 6.72
CA ALA C 150 -13.65 -18.07 6.69
C ALA C 150 -14.42 -19.13 5.92
N ALA C 151 -15.73 -19.18 6.17
CA ALA C 151 -16.56 -20.15 5.52
C ALA C 151 -16.53 -19.96 4.02
N MET C 152 -16.63 -18.74 3.54
CA MET C 152 -16.63 -18.43 2.12
C MET C 152 -15.19 -18.84 1.52
N ALA C 153 -14.15 -18.46 2.21
CA ALA C 153 -12.76 -18.76 1.75
C ALA C 153 -12.50 -20.25 1.70
N ASP C 154 -12.92 -20.97 2.75
CA ASP C 154 -12.77 -22.40 2.81
C ASP C 154 -13.52 -23.10 1.70
N ALA C 155 -14.77 -22.66 1.45
CA ALA C 155 -15.61 -23.27 0.45
C ALA C 155 -15.06 -22.99 -0.94
N ILE C 156 -14.58 -21.79 -1.21
CA ILE C 156 -14.07 -21.44 -2.54
C ILE C 156 -12.73 -22.15 -2.84
N SER C 157 -11.85 -22.15 -1.86
CA SER C 157 -10.59 -22.88 -1.87
C SER C 157 -10.82 -24.34 -2.25
N LYS C 158 -11.69 -24.98 -1.51
CA LYS C 158 -11.97 -26.38 -1.73
C LYS C 158 -12.62 -26.67 -3.08
N LEU C 159 -13.55 -25.83 -3.48
CA LEU C 159 -14.12 -25.93 -4.80
C LEU C 159 -13.07 -25.87 -5.88
N VAL C 160 -12.15 -24.93 -5.80
CA VAL C 160 -11.09 -24.83 -6.80
C VAL C 160 -10.11 -26.04 -6.79
N LEU C 161 -9.71 -26.47 -5.60
CA LEU C 161 -8.83 -27.58 -5.46
C LEU C 161 -9.44 -28.97 -5.77
N GLU C 162 -10.74 -29.09 -5.84
CA GLU C 162 -11.43 -30.26 -6.27
C GLU C 162 -11.59 -30.48 -7.79
N HIS C 163 -11.31 -29.44 -8.57
CA HIS C 163 -11.39 -29.44 -10.05
C HIS C 163 -12.63 -30.11 -10.68
N LYS C 164 -13.76 -29.99 -10.01
CA LYS C 164 -15.04 -30.51 -10.48
C LYS C 164 -15.56 -29.60 -11.60
N SER C 165 -15.60 -30.13 -12.82
CA SER C 165 -15.97 -29.36 -14.03
C SER C 165 -15.01 -28.17 -14.23
#